data_5KU5
#
_entry.id   5KU5
#
_cell.length_a   35.225
_cell.length_b   96.289
_cell.length_c   203.664
_cell.angle_alpha   90.000
_cell.angle_beta   90.000
_cell.angle_gamma   90.000
#
_symmetry.space_group_name_H-M   'P 2 21 21'
#
loop_
_entity.id
_entity.type
_entity.pdbx_description
1 polymer 'Sensor kinase CusS'
2 non-polymer 'SILVER ION'
3 non-polymer 'ACETATE ION'
4 water water
#
_entity_poly.entity_id   1
_entity_poly.type   'polypeptide(L)'
_entity_poly.pdbx_seq_one_letter_code
;MVKVHFAEQDINDLKEISATLERVLNHPDETQARRLMTLEDIVSGYSNVLISLADSQGKTVYHSPGAPDIREFTRDAIPD
KDAQGGEVYLLSGPTMMMPGHGHGHMEHSNWRMINLPVGPLVDGKPIYTLYIALSIDFHLHYINDLMNKL
;
_entity_poly.pdbx_strand_id   A,B,C,D
#
# COMPACT_ATOMS: atom_id res chain seq x y z
N MET A 1 -40.72 12.38 7.35
CA MET A 1 -39.88 11.18 7.04
C MET A 1 -38.43 11.53 6.65
N VAL A 2 -38.21 12.69 6.02
CA VAL A 2 -36.88 13.04 5.49
C VAL A 2 -35.80 13.18 6.58
N LYS A 3 -36.20 13.62 7.78
CA LYS A 3 -35.30 13.75 8.92
CA LYS A 3 -35.27 13.75 8.90
C LYS A 3 -34.79 12.37 9.36
N VAL A 4 -35.72 11.41 9.46
CA VAL A 4 -35.38 10.03 9.79
C VAL A 4 -34.48 9.42 8.71
N HIS A 5 -34.77 9.77 7.46
CA HIS A 5 -33.94 9.34 6.33
C HIS A 5 -32.51 9.91 6.38
N PHE A 6 -32.40 11.20 6.70
CA PHE A 6 -31.09 11.83 6.91
C PHE A 6 -30.31 11.15 8.05
N ALA A 7 -31.01 10.80 9.13
CA ALA A 7 -30.38 10.08 10.25
C ALA A 7 -29.83 8.73 9.80
N GLU A 8 -30.63 7.99 9.04
CA GLU A 8 -30.23 6.66 8.55
C GLU A 8 -29.05 6.73 7.57
N GLN A 9 -29.04 7.74 6.70
CA GLN A 9 -27.86 8.03 5.85
C GLN A 9 -26.60 8.16 6.71
N ASP A 10 -26.69 8.99 7.75
CA ASP A 10 -25.57 9.24 8.67
C ASP A 10 -25.16 8.00 9.45
N ILE A 11 -26.14 7.30 10.00
CA ILE A 11 -25.91 6.06 10.76
C ILE A 11 -25.15 5.02 9.92
N ASN A 12 -25.52 4.90 8.65
CA ASN A 12 -24.82 4.01 7.71
C ASN A 12 -23.36 4.41 7.49
N ASP A 13 -23.11 5.71 7.29
CA ASP A 13 -21.74 6.23 7.18
C ASP A 13 -20.95 5.98 8.46
N LEU A 14 -21.56 6.25 9.62
CA LEU A 14 -20.92 6.01 10.91
C LEU A 14 -20.63 4.52 11.16
N LYS A 15 -21.51 3.64 10.69
CA LYS A 15 -21.27 2.20 10.80
C LYS A 15 -19.99 1.79 10.05
N GLU A 16 -19.83 2.27 8.82
CA GLU A 16 -18.65 1.94 8.02
C GLU A 16 -17.38 2.56 8.57
N ILE A 17 -17.45 3.80 9.05
CA ILE A 17 -16.32 4.46 9.71
C ILE A 17 -15.94 3.69 10.98
N SER A 18 -16.94 3.27 11.75
CA SER A 18 -16.72 2.51 12.97
C SER A 18 -15.98 1.19 12.70
N ALA A 19 -16.41 0.46 11.68
CA ALA A 19 -15.81 -0.82 11.32
C ALA A 19 -14.38 -0.67 10.79
N THR A 20 -14.13 0.38 10.01
CA THR A 20 -12.79 0.67 9.49
C THR A 20 -11.82 0.99 10.62
N LEU A 21 -12.19 1.95 11.47
CA LEU A 21 -11.32 2.37 12.57
C LEU A 21 -11.14 1.30 13.65
N GLU A 22 -12.15 0.47 13.85
CA GLU A 22 -12.07 -0.67 14.78
C GLU A 22 -10.98 -1.67 14.35
N ARG A 23 -10.94 -1.99 13.05
CA ARG A 23 -9.91 -2.85 12.48
C ARG A 23 -8.51 -2.24 12.64
N VAL A 24 -8.40 -0.95 12.32
CA VAL A 24 -7.14 -0.21 12.46
C VAL A 24 -6.60 -0.32 13.89
N LEU A 25 -7.45 -0.09 14.87
CA LEU A 25 -7.03 0.01 16.28
C LEU A 25 -6.81 -1.32 17.02
N ASN A 26 -7.18 -2.45 16.43
CA ASN A 26 -6.80 -3.76 16.96
C ASN A 26 -6.16 -4.70 15.92
N HIS A 27 -5.48 -4.11 14.94
CA HIS A 27 -4.86 -4.87 13.85
C HIS A 27 -3.78 -5.80 14.42
N PRO A 28 -3.87 -7.12 14.14
CA PRO A 28 -3.06 -8.13 14.85
C PRO A 28 -1.53 -8.06 14.63
N ASP A 29 -1.12 -7.67 13.42
CA ASP A 29 0.31 -7.63 13.06
C ASP A 29 1.11 -6.41 13.56
N GLU A 30 0.47 -5.46 14.24
CA GLU A 30 1.08 -4.15 14.52
C GLU A 30 1.17 -3.82 16.01
N THR A 31 2.14 -2.97 16.35
CA THR A 31 2.25 -2.39 17.69
C THR A 31 1.17 -1.35 17.92
N GLN A 32 0.97 -0.97 19.18
CA GLN A 32 0.03 0.10 19.54
C GLN A 32 0.45 1.46 18.97
N ALA A 33 1.75 1.70 18.85
CA ALA A 33 2.28 2.92 18.22
C ALA A 33 1.97 2.95 16.73
N ARG A 34 2.24 1.84 16.05
CA ARG A 34 1.95 1.70 14.61
C ARG A 34 0.45 1.83 14.30
N ARG A 35 -0.39 1.24 15.15
CA ARG A 35 -1.85 1.36 15.01
C ARG A 35 -2.34 2.80 15.12
N LEU A 36 -1.85 3.52 16.13
CA LEU A 36 -2.18 4.94 16.33
C LEU A 36 -1.66 5.83 15.20
N MET A 37 -0.48 5.49 14.67
CA MET A 37 0.07 6.18 13.50
C MET A 37 -0.83 5.98 12.28
N THR A 38 -1.29 4.74 12.09
CA THR A 38 -2.24 4.41 11.02
C THR A 38 -3.56 5.18 11.19
N LEU A 39 -4.07 5.23 12.41
CA LEU A 39 -5.29 5.99 12.73
C LEU A 39 -5.15 7.46 12.32
N GLU A 40 -4.07 8.08 12.77
CA GLU A 40 -3.80 9.49 12.50
C GLU A 40 -3.67 9.79 11.00
N ASP A 41 -2.98 8.90 10.27
CA ASP A 41 -2.84 9.02 8.81
C ASP A 41 -4.19 8.99 8.10
N ILE A 42 -5.07 8.08 8.50
CA ILE A 42 -6.42 7.98 7.95
C ILE A 42 -7.29 9.18 8.33
N VAL A 43 -7.34 9.45 9.63
CA VAL A 43 -8.24 10.47 10.21
C VAL A 43 -7.93 11.89 9.74
N SER A 44 -6.64 12.20 9.55
CA SER A 44 -6.22 13.51 9.06
CA SER A 44 -6.22 13.51 9.06
C SER A 44 -6.77 13.80 7.66
N GLY A 45 -6.97 12.75 6.87
CA GLY A 45 -7.54 12.88 5.53
C GLY A 45 -9.03 13.18 5.46
N TYR A 46 -9.76 13.05 6.58
CA TYR A 46 -11.22 13.26 6.59
C TYR A 46 -11.61 14.72 6.38
N SER A 47 -12.62 14.94 5.53
CA SER A 47 -13.15 16.28 5.25
C SER A 47 -14.35 16.66 6.14
N ASN A 48 -15.10 15.66 6.61
CA ASN A 48 -16.37 15.88 7.32
C ASN A 48 -16.56 15.03 8.60
N VAL A 49 -15.47 14.49 9.14
CA VAL A 49 -15.52 13.62 10.31
C VAL A 49 -14.46 14.04 11.33
N LEU A 50 -14.86 14.11 12.60
CA LEU A 50 -13.93 14.29 13.71
C LEU A 50 -14.00 13.06 14.58
N ILE A 51 -12.86 12.66 15.13
CA ILE A 51 -12.82 11.55 16.08
C ILE A 51 -12.02 11.93 17.32
N SER A 52 -12.29 11.21 18.41
CA SER A 52 -11.52 11.31 19.64
C SER A 52 -11.39 9.94 20.26
N LEU A 53 -10.16 9.59 20.67
CA LEU A 53 -9.85 8.31 21.27
C LEU A 53 -9.49 8.54 22.73
N ALA A 54 -10.28 7.94 23.63
CA ALA A 54 -10.06 8.04 25.07
C ALA A 54 -9.41 6.75 25.56
N ASP A 55 -8.57 6.87 26.60
CA ASP A 55 -7.91 5.71 27.21
C ASP A 55 -8.79 5.06 28.28
N SER A 56 -8.25 4.03 28.94
CA SER A 56 -8.94 3.33 30.04
C SER A 56 -9.51 4.23 31.15
N GLN A 57 -8.79 5.31 31.48
CA GLN A 57 -9.22 6.25 32.53
C GLN A 57 -10.12 7.40 32.01
N GLY A 58 -10.51 7.34 30.75
CA GLY A 58 -11.36 8.37 30.16
C GLY A 58 -10.63 9.66 29.80
N LYS A 59 -9.32 9.56 29.56
CA LYS A 59 -8.51 10.68 29.13
C LYS A 59 -8.19 10.55 27.64
N THR A 60 -8.28 11.66 26.92
CA THR A 60 -8.06 11.67 25.47
C THR A 60 -6.60 11.40 25.11
N VAL A 61 -6.37 10.33 24.35
CA VAL A 61 -5.05 9.96 23.84
C VAL A 61 -4.81 10.57 22.46
N TYR A 62 -5.85 10.67 21.64
CA TYR A 62 -5.77 11.30 20.33
C TYR A 62 -7.12 11.93 19.95
N HIS A 63 -7.05 13.06 19.25
CA HIS A 63 -8.22 13.64 18.58
C HIS A 63 -7.81 14.32 17.27
N SER A 64 -8.79 14.55 16.39
CA SER A 64 -8.52 15.13 15.07
C SER A 64 -7.98 16.56 15.16
N PRO A 65 -7.07 16.95 14.24
CA PRO A 65 -6.37 18.23 14.34
C PRO A 65 -7.17 19.46 13.90
N GLY A 66 -8.19 19.28 13.05
CA GLY A 66 -8.95 20.41 12.52
C GLY A 66 -9.85 21.16 13.49
N ALA A 67 -10.10 20.57 14.67
CA ALA A 67 -10.99 21.16 15.67
C ALA A 67 -10.55 20.85 17.09
N PRO A 68 -11.19 21.48 18.09
CA PRO A 68 -11.06 21.01 19.47
C PRO A 68 -11.57 19.58 19.65
N ASP A 69 -11.11 18.93 20.71
CA ASP A 69 -11.54 17.58 21.08
C ASP A 69 -13.06 17.53 21.24
N ILE A 70 -13.72 16.67 20.47
CA ILE A 70 -15.20 16.54 20.55
C ILE A 70 -15.70 16.06 21.91
N ARG A 71 -14.87 15.33 22.65
CA ARG A 71 -15.21 14.88 24.02
C ARG A 71 -15.47 16.03 24.99
N GLU A 72 -14.94 17.22 24.70
CA GLU A 72 -15.27 18.44 25.45
C GLU A 72 -16.72 18.91 25.25
N PHE A 73 -17.38 18.41 24.20
CA PHE A 73 -18.79 18.71 23.92
C PHE A 73 -19.74 17.58 24.31
N THR A 74 -19.20 16.52 24.93
CA THR A 74 -20.02 15.43 25.47
C THR A 74 -21.03 15.95 26.51
N ARG A 75 -20.63 16.90 27.33
CA ARG A 75 -21.50 17.48 28.37
C ARG A 75 -22.76 18.18 27.81
N ASP A 76 -22.67 18.70 26.58
CA ASP A 76 -23.80 19.36 25.89
C ASP A 76 -24.57 18.45 24.93
N ALA A 77 -24.15 17.20 24.79
CA ALA A 77 -24.76 16.27 23.83
C ALA A 77 -26.25 16.05 24.12
N ILE A 78 -27.05 16.05 23.06
CA ILE A 78 -28.50 15.83 23.15
C ILE A 78 -28.82 14.52 22.44
N PRO A 79 -29.71 13.68 23.02
CA PRO A 79 -30.14 12.47 22.28
C PRO A 79 -30.80 12.81 20.94
N ASP A 80 -30.42 12.08 19.90
CA ASP A 80 -30.92 12.33 18.54
C ASP A 80 -32.31 11.70 18.38
N LYS A 81 -33.35 12.54 18.43
CA LYS A 81 -34.74 12.05 18.31
C LYS A 81 -35.06 11.33 16.99
N ASP A 82 -34.35 11.70 15.92
CA ASP A 82 -34.53 11.07 14.61
C ASP A 82 -33.79 9.75 14.45
N ALA A 83 -32.88 9.44 15.36
CA ALA A 83 -32.20 8.15 15.42
C ALA A 83 -33.04 7.22 16.29
N GLN A 84 -33.84 6.37 15.66
CA GLN A 84 -34.80 5.51 16.36
C GLN A 84 -34.17 4.17 16.72
N GLY A 85 -33.29 4.22 17.72
CA GLY A 85 -32.58 3.05 18.21
C GLY A 85 -31.12 3.35 18.49
N GLY A 86 -30.60 2.79 19.59
CA GLY A 86 -29.20 2.94 19.95
C GLY A 86 -28.89 4.28 20.60
N GLU A 87 -27.60 4.59 20.65
CA GLU A 87 -27.08 5.73 21.40
C GLU A 87 -26.38 6.72 20.47
N VAL A 88 -27.19 7.51 19.75
CA VAL A 88 -26.70 8.54 18.82
C VAL A 88 -26.98 9.92 19.43
N TYR A 89 -25.97 10.79 19.41
CA TYR A 89 -26.09 12.12 19.99
C TYR A 89 -25.95 13.23 18.96
N LEU A 90 -26.47 14.40 19.31
CA LEU A 90 -26.33 15.61 18.52
C LEU A 90 -25.42 16.58 19.26
N LEU A 91 -24.35 17.02 18.59
CA LEU A 91 -23.46 18.07 19.10
C LEU A 91 -23.68 19.34 18.26
N SER A 92 -23.76 20.49 18.93
CA SER A 92 -23.83 21.79 18.26
C SER A 92 -22.46 22.50 18.22
N GLY A 93 -21.39 21.73 18.37
CA GLY A 93 -20.01 22.19 18.21
C GLY A 93 -19.11 20.97 18.35
N PRO A 94 -17.80 21.12 18.14
CA PRO A 94 -17.06 22.32 17.79
C PRO A 94 -17.13 22.66 16.31
N THR A 95 -16.53 23.78 15.95
CA THR A 95 -16.31 24.15 14.56
C THR A 95 -15.04 23.46 14.06
N MET A 96 -15.13 22.84 12.89
CA MET A 96 -13.97 22.25 12.22
C MET A 96 -13.46 23.24 11.20
N MET A 97 -12.15 23.53 11.26
CA MET A 97 -11.50 24.41 10.30
CA MET A 97 -11.51 24.42 10.30
C MET A 97 -11.56 23.75 8.92
N MET A 98 -11.98 24.51 7.92
CA MET A 98 -12.09 24.02 6.55
C MET A 98 -11.42 24.99 5.59
N PRO A 99 -10.90 24.48 4.45
CA PRO A 99 -10.15 25.32 3.51
C PRO A 99 -11.03 26.20 2.64
N GLY A 100 -10.43 27.21 2.02
CA GLY A 100 -11.12 28.05 1.05
C GLY A 100 -12.00 29.11 1.67
N HIS A 101 -12.68 29.87 0.81
CA HIS A 101 -13.51 31.00 1.22
C HIS A 101 -14.69 31.13 0.25
N GLY A 102 -15.68 31.94 0.60
CA GLY A 102 -16.83 32.18 -0.27
C GLY A 102 -17.75 30.97 -0.40
N HIS A 103 -18.37 30.82 -1.57
CA HIS A 103 -19.32 29.73 -1.83
C HIS A 103 -18.71 28.33 -1.62
N GLY A 104 -17.42 28.20 -1.93
CA GLY A 104 -16.70 26.94 -1.78
C GLY A 104 -16.31 26.52 -0.37
N HIS A 105 -16.38 27.42 0.60
CA HIS A 105 -16.03 27.10 2.00
C HIS A 105 -17.14 26.28 2.67
N MET A 106 -16.73 25.24 3.40
CA MET A 106 -17.65 24.35 4.11
C MET A 106 -17.75 24.77 5.58
N GLU A 107 -18.97 25.12 6.01
CA GLU A 107 -19.26 25.46 7.40
C GLU A 107 -19.63 24.18 8.14
N HIS A 108 -18.71 23.68 8.98
CA HIS A 108 -18.93 22.44 9.75
C HIS A 108 -18.86 22.67 11.27
N SER A 109 -20.02 22.86 11.90
CA SER A 109 -20.12 22.97 13.36
C SER A 109 -21.25 22.15 14.01
N ASN A 110 -21.85 21.21 13.29
CA ASN A 110 -22.95 20.37 13.82
C ASN A 110 -22.73 18.91 13.48
N TRP A 111 -22.94 18.03 14.46
CA TRP A 111 -22.47 16.65 14.37
C TRP A 111 -23.47 15.62 14.90
N ARG A 112 -23.49 14.45 14.25
CA ARG A 112 -24.09 13.24 14.82
C ARG A 112 -22.94 12.44 15.38
N MET A 113 -23.03 12.08 16.67
CA MET A 113 -21.94 11.41 17.39
CA MET A 113 -21.95 11.40 17.36
C MET A 113 -22.37 10.06 17.92
N ILE A 114 -21.47 9.08 17.81
CA ILE A 114 -21.60 7.78 18.46
C ILE A 114 -20.27 7.47 19.13
N ASN A 115 -20.28 6.48 20.01
CA ASN A 115 -19.04 5.96 20.61
C ASN A 115 -19.11 4.46 20.82
N LEU A 116 -17.94 3.81 20.86
CA LEU A 116 -17.84 2.37 21.09
C LEU A 116 -16.50 1.99 21.72
N PRO A 117 -16.46 0.87 22.48
CA PRO A 117 -15.18 0.36 22.96
C PRO A 117 -14.36 -0.17 21.78
N VAL A 118 -13.04 0.01 21.86
CA VAL A 118 -12.14 -0.28 20.74
C VAL A 118 -10.75 -0.66 21.25
N GLY A 119 -9.99 -1.37 20.42
CA GLY A 119 -8.60 -1.75 20.74
C GLY A 119 -8.48 -3.14 21.34
N PRO A 120 -7.23 -3.56 21.63
CA PRO A 120 -6.99 -4.88 22.23
C PRO A 120 -7.43 -4.93 23.69
N LEU A 121 -7.64 -6.15 24.19
CA LEU A 121 -8.21 -6.36 25.51
C LEU A 121 -7.14 -6.35 26.61
N VAL A 122 -7.48 -5.73 27.75
CA VAL A 122 -6.68 -5.82 28.97
C VAL A 122 -7.66 -6.10 30.11
N ASP A 123 -7.47 -7.23 30.80
CA ASP A 123 -8.42 -7.74 31.81
C ASP A 123 -9.82 -7.94 31.24
N GLY A 124 -9.89 -8.49 30.02
CA GLY A 124 -11.16 -8.72 29.33
C GLY A 124 -11.97 -7.50 28.95
N LYS A 125 -11.30 -6.34 28.79
CA LYS A 125 -11.96 -5.08 28.43
C LYS A 125 -11.10 -4.30 27.43
N PRO A 126 -11.70 -3.75 26.35
CA PRO A 126 -10.91 -2.96 25.40
C PRO A 126 -10.28 -1.70 26.03
N ILE A 127 -9.04 -1.41 25.65
CA ILE A 127 -8.29 -0.29 26.26
C ILE A 127 -8.77 1.11 25.85
N TYR A 128 -9.47 1.22 24.73
CA TYR A 128 -9.94 2.53 24.24
C TYR A 128 -11.45 2.66 24.17
N THR A 129 -11.92 3.91 24.18
CA THR A 129 -13.27 4.26 23.75
C THR A 129 -13.11 5.24 22.59
N LEU A 130 -13.58 4.85 21.42
CA LEU A 130 -13.53 5.67 20.22
C LEU A 130 -14.81 6.49 20.08
N TYR A 131 -14.67 7.80 19.92
CA TYR A 131 -15.78 8.71 19.66
C TYR A 131 -15.67 9.18 18.20
N ILE A 132 -16.79 9.12 17.48
CA ILE A 132 -16.84 9.46 16.04
C ILE A 132 -17.95 10.50 15.84
N ALA A 133 -17.62 11.62 15.19
CA ALA A 133 -18.58 12.68 14.89
C ALA A 133 -18.62 12.95 13.38
N LEU A 134 -19.81 12.83 12.79
CA LEU A 134 -20.05 13.10 11.37
C LEU A 134 -20.80 14.40 11.19
N SER A 135 -20.36 15.22 10.23
CA SER A 135 -20.99 16.52 9.98
C SER A 135 -22.41 16.39 9.45
N ILE A 136 -23.33 17.15 10.04
CA ILE A 136 -24.74 17.16 9.63
C ILE A 136 -25.19 18.55 9.16
N ASP A 137 -24.25 19.45 8.91
CA ASP A 137 -24.58 20.84 8.56
C ASP A 137 -25.38 20.95 7.26
N PHE A 138 -25.02 20.12 6.27
CA PHE A 138 -25.74 20.08 5.00
C PHE A 138 -27.20 19.63 5.19
N HIS A 139 -27.45 18.70 6.12
CA HIS A 139 -28.82 18.32 6.49
C HIS A 139 -29.61 19.52 7.04
N LEU A 140 -28.99 20.24 7.97
CA LEU A 140 -29.63 21.37 8.64
C LEU A 140 -29.83 22.57 7.71
N HIS A 141 -28.88 22.82 6.81
CA HIS A 141 -29.04 23.86 5.78
C HIS A 141 -30.28 23.61 4.92
N TYR A 142 -30.52 22.35 4.55
CA TYR A 142 -31.69 21.98 3.76
C TYR A 142 -32.99 22.24 4.52
N ILE A 143 -33.06 21.78 5.77
CA ILE A 143 -34.27 21.90 6.60
C ILE A 143 -34.58 23.38 6.90
N ASN A 144 -33.56 24.11 7.34
CA ASN A 144 -33.70 25.54 7.64
C ASN A 144 -34.08 26.39 6.44
N ASP A 145 -33.65 25.97 5.24
CA ASP A 145 -34.02 26.64 4.00
C ASP A 145 -35.51 26.46 3.68
N LEU A 146 -36.03 25.25 3.84
CA LEU A 146 -37.46 24.98 3.63
C LEU A 146 -38.36 25.75 4.61
N MET A 147 -37.90 25.92 5.86
CA MET A 147 -38.65 26.70 6.85
C MET A 147 -38.62 28.23 6.61
N ASN A 148 -37.82 28.68 5.64
CA ASN A 148 -37.78 30.08 5.19
C ASN A 148 -37.17 31.01 6.25
N VAL B 2 -36.58 17.54 -2.55
CA VAL B 2 -35.60 16.57 -1.96
C VAL B 2 -34.70 15.89 -3.00
N LYS B 3 -35.22 15.72 -4.23
CA LYS B 3 -34.43 15.14 -5.32
C LYS B 3 -33.19 15.96 -5.67
N VAL B 4 -33.32 17.29 -5.66
CA VAL B 4 -32.19 18.18 -5.95
C VAL B 4 -31.18 18.11 -4.81
N HIS B 5 -31.68 18.03 -3.58
CA HIS B 5 -30.81 17.87 -2.42
C HIS B 5 -29.99 16.58 -2.48
N PHE B 6 -30.64 15.47 -2.86
CA PHE B 6 -29.95 14.17 -3.00
C PHE B 6 -28.86 14.23 -4.06
N ALA B 7 -29.16 14.90 -5.18
CA ALA B 7 -28.17 15.13 -6.24
C ALA B 7 -26.96 15.92 -5.72
N GLU B 8 -27.23 16.99 -4.97
CA GLU B 8 -26.16 17.82 -4.39
C GLU B 8 -25.28 17.04 -3.39
N GLN B 9 -25.91 16.19 -2.56
CA GLN B 9 -25.17 15.30 -1.65
C GLN B 9 -24.16 14.44 -2.41
N ASP B 10 -24.64 13.81 -3.50
CA ASP B 10 -23.83 12.91 -4.31
C ASP B 10 -22.73 13.65 -5.08
N ILE B 11 -23.07 14.81 -5.64
CA ILE B 11 -22.09 15.63 -6.37
C ILE B 11 -20.95 16.05 -5.44
N ASN B 12 -21.27 16.45 -4.22
CA ASN B 12 -20.25 16.76 -3.22
C ASN B 12 -19.32 15.58 -2.96
N ASP B 13 -19.92 14.40 -2.74
CA ASP B 13 -19.17 13.16 -2.54
C ASP B 13 -18.27 12.84 -3.73
N LEU B 14 -18.85 12.86 -4.94
CA LEU B 14 -18.11 12.58 -6.17
C LEU B 14 -16.98 13.56 -6.45
N LYS B 15 -17.22 14.85 -6.19
CA LYS B 15 -16.16 15.87 -6.27
C LYS B 15 -14.96 15.51 -5.40
N GLU B 16 -15.25 15.14 -4.15
CA GLU B 16 -14.20 14.75 -3.20
C GLU B 16 -13.50 13.45 -3.61
N ILE B 17 -14.27 12.45 -4.02
CA ILE B 17 -13.72 11.17 -4.49
C ILE B 17 -12.85 11.38 -5.72
N SER B 18 -13.34 12.16 -6.69
CA SER B 18 -12.58 12.44 -7.92
C SER B 18 -11.24 13.13 -7.64
N ALA B 19 -11.22 14.05 -6.68
CA ALA B 19 -9.98 14.72 -6.26
C ALA B 19 -8.99 13.75 -5.63
N THR B 20 -9.49 12.89 -4.75
CA THR B 20 -8.65 11.87 -4.09
C THR B 20 -8.03 10.90 -5.11
N LEU B 21 -8.86 10.37 -6.01
CA LEU B 21 -8.38 9.37 -6.99
C LEU B 21 -7.49 9.98 -8.07
N GLU B 22 -7.77 11.23 -8.46
CA GLU B 22 -6.88 11.94 -9.39
C GLU B 22 -5.48 12.10 -8.81
N ARG B 23 -5.39 12.49 -7.55
CA ARG B 23 -4.10 12.62 -6.86
C ARG B 23 -3.37 11.28 -6.74
N VAL B 24 -4.12 10.21 -6.47
CA VAL B 24 -3.56 8.86 -6.40
C VAL B 24 -2.92 8.45 -7.73
N LEU B 25 -3.67 8.62 -8.82
CA LEU B 25 -3.22 8.19 -10.15
C LEU B 25 -2.07 9.01 -10.75
N ASN B 26 -1.82 10.21 -10.22
CA ASN B 26 -0.69 11.04 -10.63
C ASN B 26 0.32 11.28 -9.48
N HIS B 27 0.45 10.31 -8.58
CA HIS B 27 1.38 10.42 -7.46
C HIS B 27 2.81 10.26 -8.02
N PRO B 28 3.71 11.23 -7.74
CA PRO B 28 5.07 11.17 -8.31
C PRO B 28 5.91 9.99 -7.83
N ASP B 29 6.80 9.51 -8.71
CA ASP B 29 7.74 8.42 -8.40
C ASP B 29 7.07 7.11 -7.94
N GLU B 30 5.98 6.76 -8.63
CA GLU B 30 5.32 5.47 -8.44
C GLU B 30 4.91 4.91 -9.81
N THR B 31 5.06 3.61 -9.98
CA THR B 31 4.66 2.94 -11.23
C THR B 31 3.13 2.83 -11.34
N GLN B 32 2.64 2.43 -12.51
CA GLN B 32 1.21 2.18 -12.71
C GLN B 32 0.68 1.12 -11.73
N ALA B 33 1.45 0.04 -11.57
CA ALA B 33 1.08 -1.06 -10.68
C ALA B 33 0.85 -0.61 -9.25
N ARG B 34 1.75 0.24 -8.74
CA ARG B 34 1.67 0.77 -7.38
C ARG B 34 0.47 1.70 -7.21
N ARG B 35 0.23 2.56 -8.20
CA ARG B 35 -0.91 3.49 -8.19
C ARG B 35 -2.27 2.77 -8.20
N LEU B 36 -2.41 1.77 -9.07
CA LEU B 36 -3.64 0.99 -9.16
C LEU B 36 -3.92 0.17 -7.89
N MET B 37 -2.87 -0.34 -7.25
CA MET B 37 -2.99 -1.01 -5.95
C MET B 37 -3.52 -0.05 -4.89
N THR B 38 -2.92 1.13 -4.81
CA THR B 38 -3.36 2.20 -3.89
C THR B 38 -4.80 2.62 -4.18
N LEU B 39 -5.12 2.80 -5.46
CA LEU B 39 -6.48 3.18 -5.87
C LEU B 39 -7.53 2.15 -5.47
N GLU B 40 -7.24 0.87 -5.69
CA GLU B 40 -8.16 -0.22 -5.38
C GLU B 40 -8.49 -0.29 -3.89
N ASP B 41 -7.46 -0.12 -3.05
CA ASP B 41 -7.62 -0.09 -1.60
C ASP B 41 -8.52 1.05 -1.14
N ILE B 42 -8.33 2.23 -1.73
CA ILE B 42 -9.16 3.41 -1.40
C ILE B 42 -10.60 3.18 -1.86
N VAL B 43 -10.78 2.71 -3.09
CA VAL B 43 -12.11 2.45 -3.65
C VAL B 43 -12.86 1.39 -2.83
N SER B 44 -12.17 0.33 -2.44
CA SER B 44 -12.72 -0.70 -1.53
C SER B 44 -13.19 -0.12 -0.20
N GLY B 45 -12.43 0.84 0.33
CA GLY B 45 -12.80 1.57 1.55
C GLY B 45 -14.09 2.36 1.48
N TYR B 46 -14.45 2.86 0.31
CA TYR B 46 -15.73 3.57 0.12
C TYR B 46 -16.92 2.61 0.26
N SER B 47 -16.80 1.42 -0.34
CA SER B 47 -17.83 0.36 -0.30
C SER B 47 -19.11 0.59 -1.13
N ASN B 48 -19.30 1.81 -1.63
CA ASN B 48 -20.48 2.19 -2.41
C ASN B 48 -20.10 2.87 -3.73
N VAL B 49 -18.90 2.54 -4.22
CA VAL B 49 -18.28 3.18 -5.38
C VAL B 49 -17.69 2.11 -6.31
N LEU B 50 -17.90 2.29 -7.61
CA LEU B 50 -17.18 1.53 -8.63
C LEU B 50 -16.46 2.51 -9.54
N ILE B 51 -15.27 2.14 -10.01
CA ILE B 51 -14.54 2.93 -10.98
C ILE B 51 -14.08 2.12 -12.18
N SER B 52 -13.80 2.82 -13.27
CA SER B 52 -13.24 2.24 -14.49
C SER B 52 -12.27 3.26 -15.08
N LEU B 53 -11.08 2.78 -15.46
CA LEU B 53 -10.03 3.64 -16.03
C LEU B 53 -9.85 3.27 -17.50
N ALA B 54 -9.97 4.27 -18.39
CA ALA B 54 -9.92 4.05 -19.84
C ALA B 54 -8.74 4.78 -20.49
N ASP B 55 -8.05 4.12 -21.42
CA ASP B 55 -6.94 4.74 -22.17
C ASP B 55 -7.45 5.69 -23.27
N SER B 56 -6.53 6.30 -24.03
CA SER B 56 -6.88 7.26 -25.09
C SER B 56 -7.76 6.70 -26.21
N GLN B 57 -7.58 5.42 -26.55
CA GLN B 57 -8.44 4.73 -27.53
C GLN B 57 -9.86 4.48 -27.01
N GLY B 58 -10.01 4.36 -25.69
CA GLY B 58 -11.28 4.01 -25.05
C GLY B 58 -11.36 2.57 -24.60
N LYS B 59 -10.21 1.93 -24.35
CA LYS B 59 -10.12 0.58 -23.83
C LYS B 59 -9.91 0.63 -22.33
N THR B 60 -10.59 -0.26 -21.60
CA THR B 60 -10.48 -0.34 -20.14
C THR B 60 -9.17 -1.01 -19.76
N VAL B 61 -8.32 -0.28 -19.03
CA VAL B 61 -7.06 -0.83 -18.49
C VAL B 61 -7.24 -1.35 -17.06
N TYR B 62 -8.16 -0.75 -16.31
CA TYR B 62 -8.51 -1.22 -14.97
C TYR B 62 -9.98 -0.90 -14.65
N HIS B 63 -10.64 -1.80 -13.95
CA HIS B 63 -11.95 -1.52 -13.33
C HIS B 63 -12.09 -2.27 -12.00
N SER B 64 -13.03 -1.81 -11.17
CA SER B 64 -13.15 -2.32 -9.80
C SER B 64 -13.60 -3.79 -9.75
N PRO B 65 -13.06 -4.57 -8.78
CA PRO B 65 -13.59 -5.91 -8.57
C PRO B 65 -14.94 -5.90 -7.85
N GLY B 66 -15.61 -7.04 -7.82
CA GLY B 66 -16.93 -7.17 -7.19
C GLY B 66 -18.12 -6.76 -8.06
N ALA B 67 -17.85 -6.37 -9.31
CA ALA B 67 -18.89 -5.98 -10.25
C ALA B 67 -18.35 -5.97 -11.68
N PRO B 68 -19.23 -6.11 -12.69
CA PRO B 68 -18.81 -5.87 -14.08
C PRO B 68 -18.31 -4.43 -14.31
N ASP B 69 -17.47 -4.26 -15.33
CA ASP B 69 -16.99 -2.94 -15.75
C ASP B 69 -18.17 -2.00 -15.98
N ILE B 70 -18.19 -0.87 -15.28
CA ILE B 70 -19.27 0.13 -15.44
C ILE B 70 -19.37 0.74 -16.87
N ARG B 71 -18.29 0.62 -17.65
CA ARG B 71 -18.28 1.05 -19.07
CA ARG B 71 -18.32 1.07 -19.05
C ARG B 71 -19.29 0.29 -19.95
N GLU B 72 -19.73 -0.88 -19.48
CA GLU B 72 -20.80 -1.62 -20.15
C GLU B 72 -22.19 -0.99 -19.93
N PHE B 73 -22.27 0.01 -19.05
CA PHE B 73 -23.51 0.78 -18.80
C PHE B 73 -23.41 2.29 -19.04
N THR B 74 -22.22 2.81 -19.39
CA THR B 74 -22.06 4.25 -19.61
C THR B 74 -22.64 4.75 -20.94
N ARG B 75 -22.66 3.89 -21.97
CA ARG B 75 -23.21 4.29 -23.27
C ARG B 75 -24.73 4.49 -23.27
N ASP B 76 -25.45 3.79 -22.39
CA ASP B 76 -26.88 4.03 -22.18
C ASP B 76 -27.18 4.75 -20.86
N ALA B 77 -26.25 5.59 -20.43
CA ALA B 77 -26.45 6.44 -19.26
C ALA B 77 -27.45 7.56 -19.61
N ILE B 78 -28.30 7.91 -18.65
CA ILE B 78 -29.24 9.01 -18.80
C ILE B 78 -28.65 10.22 -18.10
N PRO B 79 -28.60 11.39 -18.78
CA PRO B 79 -28.18 12.60 -18.07
C PRO B 79 -29.07 12.91 -16.88
N ASP B 80 -28.46 13.34 -15.77
CA ASP B 80 -29.19 13.57 -14.52
C ASP B 80 -29.91 14.93 -14.56
N LYS B 81 -31.24 14.89 -14.55
CA LYS B 81 -32.06 16.11 -14.60
C LYS B 81 -31.92 16.99 -13.34
N ASP B 82 -31.63 16.36 -12.20
CA ASP B 82 -31.55 17.06 -10.91
C ASP B 82 -30.17 17.65 -10.62
N ALA B 83 -29.16 17.31 -11.41
CA ALA B 83 -27.82 17.90 -11.29
C ALA B 83 -27.75 19.20 -12.07
N GLN B 84 -27.75 20.34 -11.36
CA GLN B 84 -27.55 21.65 -11.97
C GLN B 84 -26.07 21.77 -12.36
N GLY B 85 -25.81 22.19 -13.60
CA GLY B 85 -24.45 22.23 -14.14
C GLY B 85 -24.12 21.08 -15.09
N GLY B 86 -24.88 19.99 -14.99
CA GLY B 86 -24.72 18.86 -15.89
C GLY B 86 -23.49 18.04 -15.59
N GLU B 87 -23.02 17.30 -16.59
CA GLU B 87 -21.88 16.38 -16.47
C GLU B 87 -22.03 15.28 -15.40
N VAL B 88 -23.29 14.96 -15.06
CA VAL B 88 -23.62 13.88 -14.12
C VAL B 88 -24.62 12.98 -14.84
N TYR B 89 -24.40 11.66 -14.74
CA TYR B 89 -25.18 10.68 -15.50
C TYR B 89 -25.74 9.63 -14.57
N LEU B 90 -26.90 9.06 -14.93
CA LEU B 90 -27.52 8.00 -14.17
C LEU B 90 -27.26 6.67 -14.88
N LEU B 91 -26.81 5.67 -14.12
CA LEU B 91 -26.62 4.31 -14.64
C LEU B 91 -27.65 3.39 -14.02
N SER B 92 -28.27 2.53 -14.84
CA SER B 92 -29.22 1.52 -14.38
C SER B 92 -28.54 0.18 -13.99
N GLY B 93 -27.21 0.12 -14.13
CA GLY B 93 -26.42 -1.03 -13.70
C GLY B 93 -24.95 -0.66 -13.69
N PRO B 94 -24.06 -1.61 -13.32
CA PRO B 94 -24.33 -2.99 -12.96
C PRO B 94 -24.69 -3.16 -11.49
N THR B 95 -24.96 -4.40 -11.10
CA THR B 95 -25.14 -4.76 -9.70
C THR B 95 -23.78 -5.02 -9.07
N MET B 96 -23.55 -4.41 -7.91
CA MET B 96 -22.31 -4.60 -7.15
C MET B 96 -22.55 -5.62 -6.04
N MET B 97 -21.63 -6.57 -5.90
CA MET B 97 -21.69 -7.54 -4.81
C MET B 97 -21.28 -6.87 -3.50
N MET B 98 -22.05 -7.12 -2.44
CA MET B 98 -21.80 -6.57 -1.11
C MET B 98 -21.82 -7.70 -0.08
N PRO B 99 -20.72 -8.48 0.00
CA PRO B 99 -20.62 -9.56 0.98
C PRO B 99 -20.30 -9.06 2.39
N GLY B 100 -20.25 -9.98 3.34
CA GLY B 100 -19.92 -9.69 4.74
C GLY B 100 -21.09 -9.36 5.66
N HIS B 101 -22.29 -9.19 5.10
CA HIS B 101 -23.48 -8.80 5.89
C HIS B 101 -24.64 -9.81 5.83
N GLY B 102 -24.46 -10.91 5.11
CA GLY B 102 -25.53 -11.89 4.94
C GLY B 102 -26.66 -11.39 4.06
N HIS B 103 -27.83 -11.98 4.23
CA HIS B 103 -29.02 -11.66 3.44
C HIS B 103 -29.61 -10.31 3.86
N GLY B 104 -30.29 -9.65 2.92
CA GLY B 104 -31.08 -8.45 3.20
C GLY B 104 -30.37 -7.11 3.12
N HIS B 105 -29.08 -7.10 2.80
CA HIS B 105 -28.34 -5.86 2.58
C HIS B 105 -28.94 -5.14 1.37
N MET B 106 -28.99 -3.81 1.43
CA MET B 106 -29.53 -2.99 0.34
C MET B 106 -28.80 -3.30 -0.97
N GLU B 107 -29.57 -3.44 -2.04
CA GLU B 107 -29.01 -3.69 -3.37
C GLU B 107 -28.28 -2.45 -3.87
N HIS B 108 -27.12 -2.64 -4.47
CA HIS B 108 -26.35 -1.57 -5.12
C HIS B 108 -26.29 -1.85 -6.62
N SER B 109 -27.29 -1.38 -7.34
CA SER B 109 -27.34 -1.51 -8.81
C SER B 109 -27.77 -0.24 -9.57
N ASN B 110 -27.81 0.90 -8.88
CA ASN B 110 -28.18 2.19 -9.48
C ASN B 110 -27.15 3.23 -9.08
N TRP B 111 -26.68 4.02 -10.05
CA TRP B 111 -25.51 4.87 -9.83
C TRP B 111 -25.66 6.28 -10.40
N ARG B 112 -24.97 7.23 -9.78
CA ARG B 112 -24.66 8.52 -10.40
C ARG B 112 -23.21 8.45 -10.85
N MET B 113 -22.96 8.80 -12.11
CA MET B 113 -21.65 8.69 -12.73
C MET B 113 -21.10 10.06 -13.13
N ILE B 114 -19.79 10.21 -12.99
CA ILE B 114 -19.04 11.32 -13.57
C ILE B 114 -17.76 10.75 -14.19
N ASN B 115 -17.10 11.55 -15.01
CA ASN B 115 -15.78 11.21 -15.53
C ASN B 115 -14.89 12.42 -15.76
N LEU B 116 -13.58 12.19 -15.76
CA LEU B 116 -12.59 13.25 -15.91
C LEU B 116 -11.25 12.71 -16.43
N PRO B 117 -10.44 13.57 -17.07
CA PRO B 117 -9.09 13.14 -17.46
C PRO B 117 -8.19 12.98 -16.24
N VAL B 118 -7.41 11.91 -16.18
CA VAL B 118 -6.50 11.65 -15.05
C VAL B 118 -5.18 11.02 -15.53
N GLY B 119 -4.28 10.79 -14.57
CA GLY B 119 -3.05 10.05 -14.79
C GLY B 119 -1.92 10.94 -15.28
N PRO B 120 -0.71 10.38 -15.38
CA PRO B 120 0.45 11.15 -15.87
C PRO B 120 0.28 11.60 -17.32
N LEU B 121 0.97 12.68 -17.68
CA LEU B 121 0.84 13.27 -19.00
C LEU B 121 1.83 12.60 -19.96
N VAL B 122 1.36 12.29 -21.18
CA VAL B 122 2.20 11.81 -22.27
C VAL B 122 1.69 12.46 -23.58
N ASP B 123 2.15 13.67 -23.93
CA ASP B 123 2.99 14.54 -23.11
C ASP B 123 2.37 15.93 -23.10
N GLY B 124 2.10 16.44 -21.90
CA GLY B 124 1.17 17.56 -21.71
C GLY B 124 -0.31 17.17 -21.75
N LYS B 125 -0.60 15.91 -22.11
CA LYS B 125 -1.96 15.44 -22.39
C LYS B 125 -2.27 14.25 -21.48
N PRO B 126 -3.42 14.26 -20.78
CA PRO B 126 -3.74 13.19 -19.83
C PRO B 126 -4.03 11.87 -20.53
N ILE B 127 -3.32 10.81 -20.15
CA ILE B 127 -3.42 9.51 -20.82
C ILE B 127 -4.74 8.77 -20.57
N TYR B 128 -5.27 8.86 -19.34
CA TYR B 128 -6.48 8.13 -18.95
C TYR B 128 -7.72 9.00 -18.84
N THR B 129 -8.88 8.34 -18.86
CA THR B 129 -10.16 8.92 -18.45
C THR B 129 -10.74 8.03 -17.36
N LEU B 130 -11.04 8.62 -16.20
CA LEU B 130 -11.55 7.91 -15.03
C LEU B 130 -13.06 8.06 -14.96
N TYR B 131 -13.78 6.94 -14.88
CA TYR B 131 -15.23 6.92 -14.67
C TYR B 131 -15.49 6.53 -13.23
N ILE B 132 -16.34 7.28 -12.54
CA ILE B 132 -16.65 7.05 -11.13
C ILE B 132 -18.15 6.96 -10.93
N ALA B 133 -18.59 5.86 -10.34
CA ALA B 133 -20.02 5.60 -10.09
C ALA B 133 -20.26 5.51 -8.57
N LEU B 134 -21.26 6.25 -8.08
CA LEU B 134 -21.64 6.26 -6.67
C LEU B 134 -23.06 5.74 -6.56
N SER B 135 -23.30 4.82 -5.62
CA SER B 135 -24.61 4.21 -5.45
C SER B 135 -25.65 5.22 -5.02
N ILE B 136 -26.81 5.21 -5.68
CA ILE B 136 -27.93 6.09 -5.35
C ILE B 136 -29.19 5.31 -4.94
N ASP B 137 -29.03 4.01 -4.66
CA ASP B 137 -30.18 3.13 -4.40
C ASP B 137 -30.98 3.55 -3.17
N PHE B 138 -30.27 3.99 -2.13
CA PHE B 138 -30.93 4.50 -0.91
C PHE B 138 -31.79 5.72 -1.20
N HIS B 139 -31.32 6.61 -2.09
CA HIS B 139 -32.13 7.74 -2.58
C HIS B 139 -33.41 7.24 -3.25
N LEU B 140 -33.25 6.28 -4.17
CA LEU B 140 -34.36 5.78 -4.99
C LEU B 140 -35.40 5.00 -4.19
N HIS B 141 -34.96 4.24 -3.19
CA HIS B 141 -35.88 3.52 -2.30
C HIS B 141 -36.74 4.47 -1.45
N TYR B 142 -36.14 5.54 -0.94
CA TYR B 142 -36.88 6.55 -0.17
C TYR B 142 -37.97 7.22 -1.01
N ILE B 143 -37.62 7.60 -2.23
CA ILE B 143 -38.56 8.23 -3.17
C ILE B 143 -39.69 7.27 -3.57
N ASN B 144 -39.33 6.03 -3.88
CA ASN B 144 -40.30 5.01 -4.27
C ASN B 144 -41.26 4.59 -3.15
N ASP B 145 -40.75 4.53 -1.91
CA ASP B 145 -41.55 4.13 -0.75
C ASP B 145 -42.64 5.15 -0.37
N LEU B 146 -42.42 6.43 -0.62
CA LEU B 146 -43.43 7.46 -0.37
C LEU B 146 -44.65 7.28 -1.28
N MET B 147 -44.39 7.31 -2.58
CA MET B 147 -45.43 7.19 -3.61
C MET B 147 -46.19 5.85 -3.51
N VAL C 2 39.61 -13.18 -3.62
CA VAL C 2 38.14 -13.47 -3.51
C VAL C 2 37.43 -12.59 -2.46
N LYS C 3 38.13 -12.23 -1.37
CA LYS C 3 37.55 -11.37 -0.33
C LYS C 3 37.20 -9.96 -0.84
N VAL C 4 38.04 -9.42 -1.73
CA VAL C 4 37.75 -8.14 -2.38
C VAL C 4 36.51 -8.26 -3.26
N HIS C 5 36.38 -9.39 -3.95
CA HIS C 5 35.20 -9.66 -4.76
C HIS C 5 33.92 -9.74 -3.91
N PHE C 6 33.99 -10.43 -2.77
CA PHE C 6 32.86 -10.52 -1.84
C PHE C 6 32.43 -9.15 -1.32
N ALA C 7 33.40 -8.31 -0.99
CA ALA C 7 33.13 -6.95 -0.53
C ALA C 7 32.37 -6.13 -1.58
N GLU C 8 32.79 -6.24 -2.83
CA GLU C 8 32.13 -5.54 -3.95
C GLU C 8 30.72 -6.08 -4.21
N GLN C 9 30.53 -7.39 -4.11
CA GLN C 9 29.17 -7.97 -4.14
C GLN C 9 28.27 -7.28 -3.12
N ASP C 10 28.75 -7.20 -1.89
CA ASP C 10 28.01 -6.60 -0.79
C ASP C 10 27.77 -5.11 -0.99
N ILE C 11 28.80 -4.41 -1.47
CA ILE C 11 28.71 -2.98 -1.76
C ILE C 11 27.65 -2.68 -2.83
N ASN C 12 27.59 -3.52 -3.87
CA ASN C 12 26.52 -3.42 -4.88
C ASN C 12 25.12 -3.60 -4.28
N ASP C 13 24.99 -4.59 -3.41
CA ASP C 13 23.73 -4.89 -2.74
C ASP C 13 23.33 -3.77 -1.78
N LEU C 14 24.29 -3.32 -0.97
CA LEU C 14 24.10 -2.19 -0.06
C LEU C 14 23.75 -0.89 -0.79
N LYS C 15 24.32 -0.69 -1.99
CA LYS C 15 24.02 0.50 -2.80
C LYS C 15 22.54 0.53 -3.17
N GLU C 16 22.01 -0.61 -3.62
CA GLU C 16 20.60 -0.72 -3.99
C GLU C 16 19.65 -0.55 -2.81
N ILE C 17 20.02 -1.13 -1.66
CA ILE C 17 19.24 -0.99 -0.43
C ILE C 17 19.22 0.48 -0.02
N SER C 18 20.40 1.10 -0.02
CA SER C 18 20.54 2.52 0.30
C SER C 18 19.66 3.40 -0.57
N ALA C 19 19.72 3.18 -1.89
CA ALA C 19 18.89 3.93 -2.84
C ALA C 19 17.40 3.74 -2.61
N THR C 20 16.98 2.50 -2.35
CA THR C 20 15.56 2.18 -2.13
C THR C 20 15.02 2.90 -0.90
N LEU C 21 15.72 2.75 0.23
CA LEU C 21 15.27 3.33 1.50
C LEU C 21 15.38 4.86 1.52
N GLU C 22 16.38 5.40 0.82
CA GLU C 22 16.54 6.85 0.66
C GLU C 22 15.31 7.46 -0.03
N ARG C 23 14.86 6.85 -1.11
CA ARG C 23 13.63 7.28 -1.80
C ARG C 23 12.37 7.13 -0.95
N VAL C 24 12.29 6.05 -0.17
CA VAL C 24 11.18 5.85 0.77
C VAL C 24 11.10 7.00 1.79
N LEU C 25 12.25 7.34 2.38
CA LEU C 25 12.29 8.36 3.44
C LEU C 25 12.21 9.81 2.93
N ASN C 26 12.33 10.02 1.63
CA ASN C 26 12.17 11.34 1.02
C ASN C 26 11.05 11.40 -0.02
N HIS C 27 10.08 10.48 0.08
CA HIS C 27 9.07 10.34 -0.97
C HIS C 27 8.15 11.56 -0.96
N PRO C 28 8.06 12.29 -2.10
CA PRO C 28 7.29 13.54 -2.11
C PRO C 28 5.78 13.32 -1.97
N ASP C 29 5.10 14.34 -1.42
CA ASP C 29 3.65 14.30 -1.18
C ASP C 29 3.21 13.20 -0.20
N GLU C 30 4.10 12.82 0.72
CA GLU C 30 3.80 11.87 1.78
C GLU C 30 4.36 12.40 3.10
N THR C 31 3.62 12.20 4.18
CA THR C 31 4.04 12.65 5.51
C THR C 31 5.17 11.76 6.04
N GLN C 32 5.86 12.24 7.06
CA GLN C 32 6.90 11.46 7.76
C GLN C 32 6.35 10.16 8.34
N ALA C 33 5.12 10.20 8.86
CA ALA C 33 4.42 9.01 9.36
C ALA C 33 4.23 7.96 8.26
N ARG C 34 3.69 8.41 7.12
CA ARG C 34 3.48 7.54 5.94
C ARG C 34 4.78 6.90 5.48
N ARG C 35 5.85 7.70 5.45
CA ARG C 35 7.18 7.23 5.05
C ARG C 35 7.76 6.19 6.03
N LEU C 36 7.60 6.44 7.33
CA LEU C 36 8.08 5.49 8.35
C LEU C 36 7.29 4.17 8.32
N MET C 37 5.98 4.27 8.11
CA MET C 37 5.13 3.08 7.94
C MET C 37 5.55 2.25 6.73
N THR C 38 5.84 2.92 5.62
CA THR C 38 6.36 2.26 4.41
C THR C 38 7.73 1.62 4.68
N LEU C 39 8.63 2.37 5.34
CA LEU C 39 9.95 1.84 5.74
C LEU C 39 9.80 0.56 6.57
N GLU C 40 8.94 0.63 7.59
CA GLU C 40 8.68 -0.49 8.49
C GLU C 40 8.21 -1.74 7.75
N ASP C 41 7.34 -1.55 6.75
CA ASP C 41 6.83 -2.67 5.95
C ASP C 41 7.89 -3.32 5.06
N ILE C 42 8.77 -2.50 4.48
CA ILE C 42 9.82 -2.99 3.60
C ILE C 42 10.89 -3.75 4.38
N VAL C 43 11.47 -3.10 5.40
CA VAL C 43 12.61 -3.67 6.13
C VAL C 43 12.25 -4.88 7.00
N SER C 44 11.02 -4.92 7.53
CA SER C 44 10.55 -6.08 8.32
C SER C 44 10.48 -7.38 7.52
N GLY C 45 10.40 -7.28 6.18
CA GLY C 45 10.50 -8.43 5.29
C GLY C 45 11.91 -8.90 4.92
N TYR C 46 12.96 -8.18 5.34
CA TYR C 46 14.34 -8.58 5.03
C TYR C 46 14.76 -9.81 5.83
N SER C 47 15.42 -10.75 5.16
CA SER C 47 15.93 -11.98 5.79
C SER C 47 17.42 -11.90 6.19
N ASN C 48 18.17 -10.99 5.58
CA ASN C 48 19.63 -10.90 5.76
C ASN C 48 20.15 -9.48 5.96
N VAL C 49 19.26 -8.55 6.34
CA VAL C 49 19.61 -7.14 6.43
C VAL C 49 18.93 -6.54 7.67
N LEU C 50 19.69 -5.78 8.45
CA LEU C 50 19.17 -5.02 9.58
C LEU C 50 19.36 -3.52 9.34
N ILE C 51 18.37 -2.73 9.76
CA ILE C 51 18.34 -1.27 9.60
C ILE C 51 18.23 -0.61 10.97
N SER C 52 18.83 0.57 11.11
CA SER C 52 18.56 1.48 12.23
C SER C 52 18.54 2.92 11.72
N LEU C 53 17.54 3.67 12.16
CA LEU C 53 17.36 5.08 11.77
C LEU C 53 17.50 5.99 12.99
N ALA C 54 18.47 6.90 12.95
CA ALA C 54 18.76 7.83 14.04
C ALA C 54 18.31 9.25 13.69
N ASP C 55 17.75 9.96 14.67
CA ASP C 55 17.30 11.35 14.46
C ASP C 55 18.48 12.34 14.54
N SER C 56 18.19 13.64 14.46
CA SER C 56 19.23 14.68 14.50
C SER C 56 20.13 14.65 15.74
N GLN C 57 19.57 14.22 16.87
CA GLN C 57 20.33 14.10 18.13
C GLN C 57 21.01 12.73 18.35
N GLY C 58 20.97 11.85 17.36
CA GLY C 58 21.56 10.52 17.46
C GLY C 58 20.75 9.49 18.24
N LYS C 59 19.45 9.75 18.41
CA LYS C 59 18.54 8.81 19.07
C LYS C 59 17.88 7.92 18.02
N THR C 60 17.94 6.61 18.23
CA THR C 60 17.27 5.64 17.35
C THR C 60 15.76 5.82 17.43
N VAL C 61 15.14 6.11 16.27
CA VAL C 61 13.68 6.26 16.18
C VAL C 61 12.97 5.03 15.58
N TYR C 62 13.68 4.28 14.73
CA TYR C 62 13.24 2.95 14.31
C TYR C 62 14.46 2.07 14.06
N HIS C 63 14.33 0.79 14.41
CA HIS C 63 15.30 -0.22 14.01
C HIS C 63 14.60 -1.56 13.72
N SER C 64 15.28 -2.44 12.98
CA SER C 64 14.71 -3.73 12.60
C SER C 64 14.31 -4.55 13.84
N PRO C 65 13.13 -5.18 13.81
CA PRO C 65 12.62 -5.91 14.98
C PRO C 65 13.32 -7.24 15.26
N GLY C 66 13.89 -7.88 14.24
CA GLY C 66 14.46 -9.23 14.39
C GLY C 66 15.79 -9.35 15.14
N ALA C 67 16.31 -8.25 15.66
CA ALA C 67 17.55 -8.25 16.44
C ALA C 67 17.66 -6.98 17.29
N PRO C 68 18.63 -6.94 18.22
CA PRO C 68 18.98 -5.68 18.89
C PRO C 68 19.38 -4.57 17.90
N ASP C 69 19.26 -3.33 18.34
CA ASP C 69 19.62 -2.17 17.52
C ASP C 69 21.10 -2.23 17.16
N ILE C 70 21.39 -2.31 15.86
CA ILE C 70 22.77 -2.39 15.36
C ILE C 70 23.66 -1.19 15.75
N ARG C 71 23.05 -0.04 16.01
CA ARG C 71 23.79 1.13 16.54
C ARG C 71 24.44 0.89 17.91
N GLU C 72 23.98 -0.14 18.63
CA GLU C 72 24.66 -0.61 19.85
C GLU C 72 26.03 -1.26 19.57
N PHE C 73 26.25 -1.70 18.34
CA PHE C 73 27.52 -2.32 17.91
C PHE C 73 28.42 -1.36 17.10
N THR C 74 28.01 -0.10 16.95
CA THR C 74 28.83 0.94 16.33
C THR C 74 30.17 1.17 17.07
N ARG C 75 30.15 1.03 18.40
CA ARG C 75 31.38 1.18 19.21
C ARG C 75 32.45 0.11 18.92
N ASP C 76 32.01 -1.09 18.49
CA ASP C 76 32.92 -2.18 18.11
C ASP C 76 33.18 -2.28 16.60
N ALA C 77 32.65 -1.33 15.82
CA ALA C 77 32.80 -1.36 14.36
C ALA C 77 34.26 -1.11 13.96
N ILE C 78 34.79 -1.96 13.08
CA ILE C 78 36.14 -1.81 12.53
C ILE C 78 36.06 -1.55 11.01
N PRO C 79 36.99 -0.75 10.45
CA PRO C 79 36.99 -0.54 9.00
C PRO C 79 37.21 -1.83 8.22
N ASP C 80 36.44 -2.02 7.16
CA ASP C 80 36.57 -3.18 6.30
C ASP C 80 37.78 -2.98 5.39
N LYS C 81 38.84 -3.75 5.63
CA LYS C 81 40.06 -3.70 4.82
C LYS C 81 39.85 -4.14 3.36
N ASP C 82 38.91 -5.06 3.15
CA ASP C 82 38.59 -5.55 1.80
C ASP C 82 37.74 -4.56 0.97
N ALA C 83 37.12 -3.58 1.63
CA ALA C 83 36.36 -2.52 0.95
C ALA C 83 37.30 -1.36 0.65
N GLN C 84 37.65 -1.20 -0.61
CA GLN C 84 38.69 -0.23 -1.03
C GLN C 84 38.09 1.08 -1.51
N GLY C 85 37.54 1.84 -0.55
CA GLY C 85 36.95 3.16 -0.82
C GLY C 85 35.72 3.40 0.03
N GLY C 86 35.56 4.63 0.51
CA GLY C 86 34.42 5.03 1.34
C GLY C 86 34.54 4.53 2.77
N GLU C 87 33.43 4.63 3.50
CA GLU C 87 33.34 4.16 4.89
C GLU C 87 32.44 2.93 4.99
N VAL C 88 33.06 1.74 4.89
CA VAL C 88 32.36 0.48 5.12
C VAL C 88 32.96 -0.18 6.35
N TYR C 89 32.10 -0.66 7.24
CA TYR C 89 32.52 -1.22 8.53
C TYR C 89 32.14 -2.69 8.67
N LEU C 90 32.87 -3.39 9.55
CA LEU C 90 32.57 -4.78 9.91
C LEU C 90 32.04 -4.84 11.34
N LEU C 91 30.90 -5.52 11.53
CA LEU C 91 30.35 -5.80 12.86
C LEU C 91 30.37 -7.32 13.09
N SER C 92 30.70 -7.72 14.32
CA SER C 92 30.57 -9.12 14.74
C SER C 92 29.35 -9.33 15.66
N GLY C 93 28.32 -8.49 15.49
CA GLY C 93 27.06 -8.60 16.22
C GLY C 93 26.11 -7.51 15.75
N PRO C 94 24.82 -7.61 16.09
CA PRO C 94 24.16 -8.62 16.92
C PRO C 94 23.85 -9.92 16.17
N THR C 95 23.27 -10.87 16.88
CA THR C 95 22.71 -12.08 16.29
C THR C 95 21.27 -11.77 15.88
N MET C 96 20.97 -11.99 14.60
CA MET C 96 19.60 -11.94 14.10
C MET C 96 19.00 -13.33 14.22
N MET C 97 17.84 -13.43 14.87
CA MET C 97 17.12 -14.70 14.98
C MET C 97 16.66 -15.13 13.58
N MET C 98 16.86 -16.40 13.26
CA MET C 98 16.42 -16.98 12.00
C MET C 98 15.71 -18.31 12.27
N PRO C 99 14.67 -18.65 11.46
CA PRO C 99 13.89 -19.85 11.73
C PRO C 99 14.62 -21.15 11.35
N GLY C 100 14.03 -22.28 11.73
CA GLY C 100 14.55 -23.60 11.36
C GLY C 100 15.71 -24.07 12.23
N HIS C 101 16.14 -25.31 11.99
CA HIS C 101 17.24 -25.94 12.72
C HIS C 101 18.05 -26.86 11.80
N GLY C 102 19.19 -27.34 12.30
CA GLY C 102 20.02 -28.28 11.56
C GLY C 102 20.71 -27.65 10.36
N HIS C 103 20.79 -28.39 9.25
CA HIS C 103 21.49 -27.93 8.04
C HIS C 103 20.84 -26.69 7.43
N GLY C 104 19.52 -26.65 7.44
CA GLY C 104 18.75 -25.52 6.89
C GLY C 104 18.91 -24.19 7.60
N HIS C 105 19.23 -24.21 8.90
CA HIS C 105 19.32 -22.98 9.69
C HIS C 105 20.52 -22.11 9.28
N MET C 106 20.27 -20.80 9.17
CA MET C 106 21.27 -19.81 8.80
C MET C 106 21.62 -18.95 10.01
N GLU C 107 22.87 -18.99 10.44
CA GLU C 107 23.35 -18.14 11.51
C GLU C 107 23.76 -16.78 10.95
N HIS C 108 23.06 -15.72 11.37
CA HIS C 108 23.40 -14.35 10.98
C HIS C 108 23.83 -13.52 12.20
N SER C 109 25.14 -13.42 12.41
CA SER C 109 25.69 -12.51 13.43
C SER C 109 26.94 -11.73 12.99
N ASN C 110 27.16 -11.63 11.68
CA ASN C 110 28.32 -10.91 11.13
C ASN C 110 27.85 -10.03 9.98
N TRP C 111 28.20 -8.75 10.02
CA TRP C 111 27.60 -7.75 9.14
C TRP C 111 28.64 -6.85 8.47
N ARG C 112 28.32 -6.41 7.26
CA ARG C 112 29.01 -5.28 6.63
C ARG C 112 28.05 -4.10 6.76
N MET C 113 28.54 -3.01 7.36
CA MET C 113 27.69 -1.88 7.73
C MET C 113 28.14 -0.61 7.01
N ILE C 114 27.16 0.13 6.49
CA ILE C 114 27.37 1.51 6.04
C ILE C 114 26.31 2.40 6.68
N ASN C 115 26.55 3.71 6.65
CA ASN C 115 25.55 4.68 7.05
C ASN C 115 25.61 5.94 6.20
N LEU C 116 24.48 6.64 6.11
CA LEU C 116 24.35 7.85 5.30
C LEU C 116 23.23 8.75 5.81
N PRO C 117 23.32 10.08 5.56
CA PRO C 117 22.18 10.96 5.86
C PRO C 117 21.00 10.72 4.92
N VAL C 118 19.78 10.67 5.49
CA VAL C 118 18.54 10.50 4.70
C VAL C 118 17.41 11.37 5.28
N GLY C 119 16.30 11.41 4.55
CA GLY C 119 15.10 12.14 4.97
C GLY C 119 15.08 13.53 4.37
N PRO C 120 13.96 14.26 4.54
CA PRO C 120 13.86 15.63 4.02
C PRO C 120 14.77 16.59 4.79
N LEU C 121 15.12 17.70 4.16
CA LEU C 121 16.06 18.65 4.75
C LEU C 121 15.37 19.52 5.80
N VAL C 122 16.15 19.92 6.81
CA VAL C 122 15.75 20.97 7.76
C VAL C 122 16.96 21.89 7.87
N ASP C 123 16.86 23.04 7.20
CA ASP C 123 17.99 23.98 7.02
C ASP C 123 19.20 23.29 6.40
N GLY C 124 18.98 22.75 5.19
CA GLY C 124 20.03 22.10 4.40
C GLY C 124 20.76 20.94 5.08
N LYS C 125 20.04 20.20 5.91
CA LYS C 125 20.59 19.05 6.63
C LYS C 125 19.52 17.96 6.75
N PRO C 126 19.79 16.76 6.21
CA PRO C 126 18.84 15.65 6.36
C PRO C 126 18.59 15.27 7.83
N ILE C 127 17.32 15.10 8.18
CA ILE C 127 16.92 14.86 9.58
C ILE C 127 17.35 13.51 10.18
N TYR C 128 17.66 12.53 9.34
CA TYR C 128 18.05 11.19 9.81
C TYR C 128 19.47 10.79 9.42
N THR C 129 19.99 9.78 10.12
CA THR C 129 21.12 8.97 9.65
C THR C 129 20.65 7.53 9.57
N LEU C 130 20.68 6.95 8.37
CA LEU C 130 20.29 5.56 8.15
C LEU C 130 21.50 4.66 8.30
N TYR C 131 21.37 3.60 9.09
CA TYR C 131 22.39 2.56 9.23
C TYR C 131 21.86 1.29 8.58
N ILE C 132 22.68 0.66 7.73
CA ILE C 132 22.30 -0.56 7.01
C ILE C 132 23.37 -1.62 7.26
N ALA C 133 22.93 -2.80 7.69
CA ALA C 133 23.82 -3.93 7.95
C ALA C 133 23.40 -5.12 7.07
N LEU C 134 24.35 -5.65 6.30
CA LEU C 134 24.12 -6.79 5.42
C LEU C 134 24.88 -8.00 5.96
N SER C 135 24.21 -9.14 6.05
CA SER C 135 24.85 -10.36 6.57
C SER C 135 25.98 -10.82 5.66
N ILE C 136 27.15 -11.08 6.26
CA ILE C 136 28.32 -11.60 5.54
C ILE C 136 28.70 -13.01 6.00
N ASP C 137 27.81 -13.69 6.71
CA ASP C 137 28.14 -14.98 7.32
C ASP C 137 28.47 -16.05 6.28
N PHE C 138 27.70 -16.08 5.19
CA PHE C 138 27.94 -17.01 4.08
C PHE C 138 29.32 -16.79 3.43
N HIS C 139 29.77 -15.53 3.34
CA HIS C 139 31.15 -15.23 2.91
C HIS C 139 32.16 -15.85 3.86
N LEU C 140 31.96 -15.64 5.17
CA LEU C 140 32.91 -16.09 6.18
C LEU C 140 32.95 -17.62 6.34
N HIS C 141 31.83 -18.29 6.14
CA HIS C 141 31.78 -19.77 6.24
C HIS C 141 32.58 -20.43 5.12
N TYR C 142 32.46 -19.91 3.89
CA TYR C 142 33.26 -20.38 2.76
C TYR C 142 34.77 -20.23 3.02
N ILE C 143 35.17 -19.06 3.52
CA ILE C 143 36.57 -18.76 3.82
C ILE C 143 37.13 -19.69 4.92
N ASN C 144 36.34 -19.91 5.97
CA ASN C 144 36.75 -20.79 7.08
C ASN C 144 36.83 -22.28 6.73
N ASP C 145 36.01 -22.71 5.78
CA ASP C 145 36.05 -24.10 5.30
C ASP C 145 37.29 -24.38 4.45
N LEU C 146 37.75 -23.38 3.69
CA LEU C 146 39.04 -23.49 2.97
C LEU C 146 40.23 -23.50 3.94
N MET C 147 40.11 -22.77 5.05
CA MET C 147 41.11 -22.80 6.13
C MET C 147 41.19 -24.14 6.89
N ASN C 148 40.16 -24.98 6.77
CA ASN C 148 40.08 -26.30 7.41
C ASN C 148 39.91 -26.19 8.93
N VAL D 2 35.20 -21.94 -6.03
CA VAL D 2 34.40 -20.67 -5.93
C VAL D 2 33.15 -20.68 -6.82
N LYS D 3 33.20 -21.37 -7.96
CA LYS D 3 32.04 -21.46 -8.87
C LYS D 3 30.85 -22.18 -8.22
N VAL D 4 31.11 -23.25 -7.47
CA VAL D 4 30.08 -23.95 -6.70
C VAL D 4 29.50 -23.01 -5.62
N HIS D 5 30.39 -22.25 -4.98
CA HIS D 5 29.99 -21.28 -3.97
C HIS D 5 29.08 -20.17 -4.54
N PHE D 6 29.42 -19.64 -5.72
CA PHE D 6 28.55 -18.70 -6.43
C PHE D 6 27.19 -19.31 -6.79
N ALA D 7 27.20 -20.58 -7.17
CA ALA D 7 25.97 -21.30 -7.50
C ALA D 7 25.04 -21.41 -6.28
N GLU D 8 25.60 -21.81 -5.14
CA GLU D 8 24.86 -21.85 -3.86
C GLU D 8 24.26 -20.49 -3.50
N GLN D 9 25.08 -19.45 -3.65
CA GLN D 9 24.68 -18.06 -3.41
C GLN D 9 23.42 -17.69 -4.20
N ASP D 10 23.45 -17.98 -5.50
CA ASP D 10 22.33 -17.67 -6.42
C ASP D 10 21.10 -18.49 -6.13
N ILE D 11 21.29 -19.79 -5.89
CA ILE D 11 20.20 -20.71 -5.60
C ILE D 11 19.49 -20.32 -4.29
N ASN D 12 20.26 -19.91 -3.28
CA ASN D 12 19.68 -19.39 -2.03
C ASN D 12 18.79 -18.17 -2.28
N ASP D 13 19.27 -17.24 -3.09
CA ASP D 13 18.50 -16.03 -3.45
C ASP D 13 17.25 -16.38 -4.25
N LEU D 14 17.42 -17.26 -5.24
CA LEU D 14 16.30 -17.72 -6.08
C LEU D 14 15.21 -18.45 -5.27
N LYS D 15 15.63 -19.28 -4.32
CA LYS D 15 14.69 -19.98 -3.43
C LYS D 15 13.86 -19.01 -2.60
N GLU D 16 14.49 -17.95 -2.11
CA GLU D 16 13.81 -16.91 -1.35
C GLU D 16 12.84 -16.10 -2.21
N ILE D 17 13.29 -15.72 -3.40
CA ILE D 17 12.44 -15.00 -4.36
C ILE D 17 11.24 -15.86 -4.75
N SER D 18 11.49 -17.12 -5.08
CA SER D 18 10.41 -18.05 -5.48
C SER D 18 9.36 -18.22 -4.38
N ALA D 19 9.80 -18.30 -3.13
CA ALA D 19 8.89 -18.39 -1.98
C ALA D 19 8.02 -17.14 -1.86
N THR D 20 8.62 -15.96 -1.99
CA THR D 20 7.91 -14.68 -1.93
C THR D 20 6.87 -14.56 -3.03
N LEU D 21 7.29 -14.81 -4.28
CA LEU D 21 6.40 -14.66 -5.43
C LEU D 21 5.30 -15.73 -5.48
N GLU D 22 5.59 -16.93 -4.97
CA GLU D 22 4.57 -17.99 -4.85
C GLU D 22 3.42 -17.56 -3.93
N ARG D 23 3.77 -16.99 -2.77
CA ARG D 23 2.78 -16.45 -1.81
C ARG D 23 1.92 -15.37 -2.46
N VAL D 24 2.58 -14.41 -3.12
CA VAL D 24 1.92 -13.31 -3.82
C VAL D 24 0.89 -13.80 -4.85
N LEU D 25 1.28 -14.80 -5.64
CA LEU D 25 0.42 -15.30 -6.72
C LEU D 25 -0.71 -16.23 -6.27
N ASN D 26 -0.76 -16.56 -4.97
CA ASN D 26 -1.83 -17.38 -4.39
C ASN D 26 -2.59 -16.68 -3.26
N HIS D 27 -2.41 -15.36 -3.10
CA HIS D 27 -2.90 -14.65 -1.90
C HIS D 27 -4.44 -14.66 -1.86
N PRO D 28 -5.05 -15.11 -0.73
CA PRO D 28 -6.49 -15.41 -0.63
C PRO D 28 -7.49 -14.41 -1.24
N ASP D 29 -7.33 -13.12 -0.92
CA ASP D 29 -8.41 -12.13 -1.09
C ASP D 29 -8.26 -11.23 -2.33
N GLU D 30 -7.50 -11.65 -3.34
CA GLU D 30 -7.13 -10.78 -4.46
C GLU D 30 -7.52 -11.37 -5.81
N THR D 31 -7.81 -10.48 -6.75
CA THR D 31 -8.09 -10.86 -8.13
C THR D 31 -6.79 -11.18 -8.87
N GLN D 32 -6.91 -11.71 -10.08
CA GLN D 32 -5.74 -12.10 -10.89
C GLN D 32 -4.94 -10.87 -11.32
N ALA D 33 -5.65 -9.81 -11.70
CA ALA D 33 -5.03 -8.52 -12.02
C ALA D 33 -4.33 -7.89 -10.81
N ARG D 34 -4.94 -8.02 -9.63
CA ARG D 34 -4.34 -7.48 -8.39
C ARG D 34 -3.09 -8.25 -7.96
N ARG D 35 -3.11 -9.58 -8.13
CA ARG D 35 -1.93 -10.41 -7.85
C ARG D 35 -0.77 -10.10 -8.79
N LEU D 36 -1.07 -9.89 -10.07
CA LEU D 36 -0.06 -9.49 -11.06
C LEU D 36 0.44 -8.05 -10.81
N MET D 37 -0.47 -7.16 -10.42
CA MET D 37 -0.10 -5.82 -9.93
C MET D 37 0.95 -5.90 -8.83
N THR D 38 0.66 -6.74 -7.83
CA THR D 38 1.54 -6.97 -6.68
C THR D 38 2.88 -7.60 -7.11
N LEU D 39 2.80 -8.57 -8.02
CA LEU D 39 4.00 -9.19 -8.60
C LEU D 39 4.86 -8.18 -9.35
N GLU D 40 4.22 -7.39 -10.21
CA GLU D 40 4.92 -6.37 -11.01
C GLU D 40 5.60 -5.31 -10.14
N ASP D 41 4.91 -4.87 -9.09
CA ASP D 41 5.46 -3.91 -8.13
C ASP D 41 6.70 -4.46 -7.42
N ILE D 42 6.66 -5.73 -7.01
CA ILE D 42 7.80 -6.37 -6.34
C ILE D 42 9.00 -6.57 -7.29
N VAL D 43 8.72 -7.06 -8.50
CA VAL D 43 9.77 -7.37 -9.48
C VAL D 43 10.49 -6.09 -9.96
N SER D 44 9.75 -4.99 -10.08
CA SER D 44 10.37 -3.67 -10.15
C SER D 44 10.89 -3.35 -8.75
N GLY D 45 12.20 -3.31 -8.58
CA GLY D 45 12.80 -3.24 -7.24
C GLY D 45 13.76 -4.40 -7.07
N TYR D 46 13.37 -5.58 -7.57
CA TYR D 46 14.35 -6.61 -7.91
C TYR D 46 15.07 -6.09 -9.15
N SER D 47 16.20 -5.43 -8.93
CA SER D 47 16.98 -4.81 -10.01
C SER D 47 17.94 -5.79 -10.74
N ASN D 48 17.91 -7.06 -10.36
CA ASN D 48 18.75 -8.09 -11.00
C ASN D 48 17.98 -9.38 -11.34
N VAL D 49 16.66 -9.27 -11.48
CA VAL D 49 15.77 -10.41 -11.69
C VAL D 49 14.80 -10.16 -12.83
N LEU D 50 14.61 -11.18 -13.68
CA LEU D 50 13.52 -11.22 -14.64
C LEU D 50 12.63 -12.41 -14.32
N ILE D 51 11.33 -12.28 -14.56
CA ILE D 51 10.40 -13.39 -14.40
C ILE D 51 9.46 -13.52 -15.60
N SER D 52 8.94 -14.72 -15.78
CA SER D 52 7.92 -15.00 -16.80
C SER D 52 6.93 -16.04 -16.27
N LEU D 53 5.65 -15.77 -16.51
CA LEU D 53 4.55 -16.56 -15.96
C LEU D 53 3.73 -17.14 -17.11
N ALA D 54 3.71 -18.47 -17.21
CA ALA D 54 3.04 -19.17 -18.32
C ALA D 54 1.87 -20.01 -17.83
N ASP D 55 0.79 -20.08 -18.63
CA ASP D 55 -0.38 -20.92 -18.29
C ASP D 55 -0.12 -22.41 -18.55
N SER D 56 -1.12 -23.25 -18.30
CA SER D 56 -0.99 -24.71 -18.47
C SER D 56 -0.60 -25.17 -19.88
N GLN D 57 -1.12 -24.49 -20.90
CA GLN D 57 -0.75 -24.77 -22.30
C GLN D 57 0.71 -24.42 -22.62
N GLY D 58 1.26 -23.44 -21.88
CA GLY D 58 2.64 -22.98 -22.07
C GLY D 58 2.69 -21.69 -22.86
N LYS D 59 1.83 -20.74 -22.48
CA LYS D 59 1.71 -19.44 -23.13
C LYS D 59 1.92 -18.35 -22.10
N THR D 60 2.87 -17.46 -22.36
CA THR D 60 3.23 -16.40 -21.41
C THR D 60 2.08 -15.40 -21.23
N VAL D 61 1.52 -15.37 -20.01
CA VAL D 61 0.48 -14.40 -19.64
C VAL D 61 1.09 -13.09 -19.11
N TYR D 62 2.26 -13.18 -18.49
CA TYR D 62 3.01 -12.00 -18.04
C TYR D 62 4.51 -12.29 -17.96
N HIS D 63 5.32 -11.29 -18.35
CA HIS D 63 6.76 -11.33 -18.16
C HIS D 63 7.26 -9.92 -17.81
N SER D 64 8.43 -9.83 -17.19
CA SER D 64 8.97 -8.56 -16.70
C SER D 64 9.18 -7.54 -17.83
N PRO D 65 8.95 -6.24 -17.54
CA PRO D 65 9.28 -5.20 -18.50
C PRO D 65 10.78 -4.88 -18.47
N GLY D 66 11.24 -4.13 -19.48
CA GLY D 66 12.66 -3.79 -19.60
C GLY D 66 13.56 -4.92 -20.09
N ALA D 67 12.96 -6.01 -20.57
CA ALA D 67 13.67 -7.13 -21.18
C ALA D 67 12.70 -8.00 -21.96
N PRO D 68 13.17 -8.68 -23.02
CA PRO D 68 12.36 -9.73 -23.64
C PRO D 68 11.98 -10.86 -22.68
N ASP D 69 10.93 -11.59 -23.03
CA ASP D 69 10.48 -12.76 -22.29
C ASP D 69 11.61 -13.79 -22.22
N ILE D 70 12.07 -14.10 -20.99
CA ILE D 70 13.12 -15.10 -20.76
C ILE D 70 12.76 -16.51 -21.29
N ARG D 71 11.47 -16.81 -21.39
CA ARG D 71 11.00 -18.05 -22.00
C ARG D 71 11.31 -18.20 -23.51
N GLU D 72 11.65 -17.09 -24.18
CA GLU D 72 12.15 -17.14 -25.55
C GLU D 72 13.65 -17.52 -25.62
N PHE D 73 14.28 -17.81 -24.48
CA PHE D 73 15.68 -18.23 -24.42
C PHE D 73 15.85 -19.56 -23.65
N THR D 74 14.76 -20.30 -23.44
CA THR D 74 14.75 -21.49 -22.56
C THR D 74 15.07 -22.79 -23.30
N ARG D 75 14.56 -22.95 -24.52
CA ARG D 75 14.91 -24.07 -25.39
C ARG D 75 16.44 -24.22 -25.55
N ASP D 76 17.12 -23.07 -25.64
CA ASP D 76 18.56 -23.02 -25.86
C ASP D 76 19.45 -22.99 -24.60
N ALA D 77 18.83 -23.10 -23.41
CA ALA D 77 19.57 -22.99 -22.14
C ALA D 77 20.35 -24.26 -21.80
N ILE D 78 21.57 -24.08 -21.28
CA ILE D 78 22.38 -25.21 -20.81
C ILE D 78 22.11 -25.46 -19.31
N PRO D 79 22.11 -26.73 -18.86
CA PRO D 79 22.00 -26.99 -17.42
C PRO D 79 23.21 -26.48 -16.63
N ASP D 80 22.97 -26.04 -15.40
CA ASP D 80 24.03 -25.54 -14.53
C ASP D 80 24.81 -26.72 -13.93
N LYS D 81 26.05 -26.89 -14.38
CA LYS D 81 26.97 -27.91 -13.85
C LYS D 81 27.25 -27.75 -12.35
N ASP D 82 27.32 -26.51 -11.89
CA ASP D 82 27.72 -26.19 -10.52
C ASP D 82 26.56 -26.18 -9.52
N ALA D 83 25.33 -26.37 -10.01
CA ALA D 83 24.17 -26.54 -9.14
C ALA D 83 24.07 -28.01 -8.74
N GLN D 84 24.60 -28.33 -7.55
CA GLN D 84 24.59 -29.69 -7.01
C GLN D 84 23.18 -30.26 -6.84
N GLY D 85 22.73 -31.01 -7.84
CA GLY D 85 21.42 -31.68 -7.81
C GLY D 85 20.21 -30.82 -8.21
N GLY D 86 20.34 -29.50 -8.13
CA GLY D 86 19.21 -28.60 -8.42
C GLY D 86 18.89 -28.53 -9.89
N GLU D 87 17.63 -28.18 -10.18
CA GLU D 87 17.16 -28.01 -11.56
C GLU D 87 17.34 -26.55 -11.95
N VAL D 88 18.57 -26.20 -12.29
CA VAL D 88 18.97 -24.83 -12.61
C VAL D 88 19.58 -24.78 -14.00
N TYR D 89 19.23 -23.74 -14.76
CA TYR D 89 19.66 -23.58 -16.16
C TYR D 89 20.36 -22.24 -16.32
N LEU D 90 21.35 -22.20 -17.21
CA LEU D 90 22.05 -20.97 -17.55
C LEU D 90 21.49 -20.42 -18.85
N LEU D 91 21.10 -19.15 -18.84
CA LEU D 91 20.63 -18.46 -20.05
C LEU D 91 21.70 -17.49 -20.55
N SER D 92 21.98 -17.55 -21.86
CA SER D 92 22.82 -16.55 -22.51
C SER D 92 21.88 -15.57 -23.21
N GLY D 93 21.66 -14.41 -22.57
CA GLY D 93 20.58 -13.49 -22.93
C GLY D 93 19.29 -13.89 -22.21
N PRO D 94 18.26 -13.01 -22.22
CA PRO D 94 18.21 -11.68 -22.83
C PRO D 94 18.93 -10.62 -22.03
N THR D 95 19.00 -9.41 -22.59
CA THR D 95 19.58 -8.26 -21.93
C THR D 95 18.47 -7.48 -21.22
N MET D 96 18.69 -7.18 -19.94
CA MET D 96 17.80 -6.35 -19.16
C MET D 96 18.32 -4.92 -19.20
N MET D 97 17.46 -3.99 -19.60
CA MET D 97 17.80 -2.57 -19.54
C MET D 97 17.83 -2.11 -18.08
N MET D 98 18.84 -1.31 -17.74
CA MET D 98 19.00 -0.74 -16.41
C MET D 98 19.04 0.78 -16.53
N PRO D 99 17.86 1.41 -16.72
CA PRO D 99 17.81 2.87 -16.81
C PRO D 99 17.97 3.56 -15.46
N GLY D 100 18.31 4.85 -15.50
CA GLY D 100 18.48 5.68 -14.31
C GLY D 100 19.91 5.88 -13.83
N HIS D 101 20.87 5.18 -14.44
CA HIS D 101 22.29 5.25 -14.04
C HIS D 101 23.19 5.87 -15.11
N GLY D 102 22.64 6.22 -16.27
CA GLY D 102 23.45 6.67 -17.40
C GLY D 102 24.28 5.54 -18.00
N HIS D 103 25.42 5.89 -18.60
CA HIS D 103 26.24 4.96 -19.35
C HIS D 103 27.13 4.09 -18.46
N GLY D 104 27.47 2.91 -18.95
CA GLY D 104 28.48 2.04 -18.32
C GLY D 104 28.06 1.32 -17.05
N HIS D 105 26.75 1.23 -16.80
CA HIS D 105 26.22 0.39 -15.72
C HIS D 105 26.49 -1.08 -16.07
N MET D 106 26.65 -1.91 -15.04
CA MET D 106 26.99 -3.32 -15.26
C MET D 106 25.94 -3.99 -16.15
N GLU D 107 26.42 -4.73 -17.14
CA GLU D 107 25.55 -5.43 -18.08
C GLU D 107 24.83 -6.57 -17.38
N HIS D 108 23.54 -6.74 -17.67
CA HIS D 108 22.75 -7.88 -17.19
C HIS D 108 22.21 -8.66 -18.37
N SER D 109 23.05 -9.55 -18.91
CA SER D 109 22.72 -10.39 -20.06
C SER D 109 22.98 -11.90 -19.86
N ASN D 110 23.31 -12.33 -18.64
CA ASN D 110 23.57 -13.74 -18.32
C ASN D 110 22.84 -14.10 -17.03
N TRP D 111 22.15 -15.25 -17.04
CA TRP D 111 21.19 -15.58 -15.98
C TRP D 111 21.29 -17.02 -15.49
N ARG D 112 20.99 -17.21 -14.20
CA ARG D 112 20.66 -18.52 -13.65
C ARG D 112 19.14 -18.56 -13.51
N MET D 113 18.54 -19.62 -14.01
CA MET D 113 17.08 -19.72 -14.08
C MET D 113 16.54 -21.00 -13.47
N ILE D 114 15.44 -20.85 -12.73
CA ILE D 114 14.66 -21.96 -12.19
C ILE D 114 13.20 -21.76 -12.58
N ASN D 115 12.38 -22.77 -12.32
CA ASN D 115 10.93 -22.64 -12.44
C ASN D 115 10.16 -23.55 -11.51
N LEU D 116 8.92 -23.16 -11.24
CA LEU D 116 8.05 -23.86 -10.30
C LEU D 116 6.58 -23.59 -10.62
N PRO D 117 5.68 -24.53 -10.28
CA PRO D 117 4.25 -24.28 -10.43
C PRO D 117 3.72 -23.32 -9.35
N VAL D 118 2.91 -22.34 -9.76
CA VAL D 118 2.30 -21.37 -8.84
C VAL D 118 0.86 -21.03 -9.27
N GLY D 119 0.18 -20.27 -8.42
CA GLY D 119 -1.16 -19.76 -8.72
C GLY D 119 -2.26 -20.61 -8.10
N PRO D 120 -3.53 -20.17 -8.23
CA PRO D 120 -4.68 -20.96 -7.74
C PRO D 120 -4.83 -22.30 -8.47
N LEU D 121 -5.48 -23.26 -7.82
CA LEU D 121 -5.60 -24.61 -8.35
C LEU D 121 -6.85 -24.77 -9.23
N VAL D 122 -6.66 -25.27 -10.44
CA VAL D 122 -7.74 -25.59 -11.39
C VAL D 122 -7.43 -26.96 -12.02
N ASP D 123 -8.44 -27.84 -12.03
CA ASP D 123 -8.29 -29.24 -12.47
C ASP D 123 -7.15 -29.95 -11.74
N GLY D 124 -7.07 -29.73 -10.43
CA GLY D 124 -6.03 -30.31 -9.58
C GLY D 124 -4.80 -29.43 -9.44
N LYS D 125 -4.10 -29.20 -10.56
CA LYS D 125 -2.80 -28.49 -10.54
C LYS D 125 -2.95 -26.95 -10.51
N PRO D 126 -1.85 -26.23 -10.19
CA PRO D 126 -1.86 -24.76 -10.29
C PRO D 126 -1.95 -24.25 -11.74
N ILE D 127 -2.60 -23.12 -11.93
CA ILE D 127 -2.83 -22.56 -13.27
C ILE D 127 -1.58 -22.03 -13.98
N TYR D 128 -0.56 -21.63 -13.22
CA TYR D 128 0.67 -21.07 -13.80
C TYR D 128 1.92 -21.93 -13.56
N THR D 129 2.95 -21.66 -14.36
CA THR D 129 4.32 -22.06 -14.07
C THR D 129 5.16 -20.78 -14.10
N LEU D 130 5.81 -20.46 -12.99
CA LEU D 130 6.64 -19.26 -12.87
C LEU D 130 8.09 -19.56 -13.20
N TYR D 131 8.68 -18.75 -14.07
CA TYR D 131 10.10 -18.81 -14.41
C TYR D 131 10.79 -17.60 -13.78
N ILE D 132 11.94 -17.81 -13.13
CA ILE D 132 12.66 -16.76 -12.40
C ILE D 132 14.13 -16.80 -12.80
N ALA D 133 14.66 -15.65 -13.23
CA ALA D 133 16.04 -15.55 -13.71
C ALA D 133 16.82 -14.53 -12.89
N LEU D 134 17.99 -14.93 -12.38
CA LEU D 134 18.85 -14.06 -11.56
C LEU D 134 20.17 -13.79 -12.29
N SER D 135 20.56 -12.52 -12.37
CA SER D 135 21.78 -12.13 -13.10
C SER D 135 23.03 -12.75 -12.49
N ILE D 136 23.88 -13.30 -13.36
CA ILE D 136 25.16 -13.91 -12.95
C ILE D 136 26.37 -13.22 -13.59
N ASP D 137 26.17 -12.02 -14.15
CA ASP D 137 27.22 -11.35 -14.93
C ASP D 137 28.46 -11.04 -14.10
N PHE D 138 28.25 -10.61 -12.86
CA PHE D 138 29.35 -10.29 -11.94
C PHE D 138 30.15 -11.53 -11.55
N HIS D 139 29.49 -12.68 -11.43
CA HIS D 139 30.20 -13.97 -11.27
C HIS D 139 31.12 -14.18 -12.46
N LEU D 140 30.55 -14.10 -13.67
CA LEU D 140 31.28 -14.43 -14.91
C LEU D 140 32.48 -13.53 -15.19
N HIS D 141 32.35 -12.23 -14.92
CA HIS D 141 33.47 -11.28 -15.10
C HIS D 141 34.65 -11.58 -14.17
N TYR D 142 34.35 -11.99 -12.93
CA TYR D 142 35.39 -12.42 -11.98
C TYR D 142 36.07 -13.72 -12.43
N ILE D 143 35.28 -14.69 -12.90
CA ILE D 143 35.82 -15.96 -13.42
C ILE D 143 36.67 -15.67 -14.66
N ASN D 144 36.09 -14.95 -15.62
CA ASN D 144 36.79 -14.58 -16.85
C ASN D 144 37.81 -13.48 -16.56
N ASP D 145 38.95 -13.89 -15.97
CA ASP D 145 39.93 -12.95 -15.45
C ASP D 145 41.28 -13.63 -15.18
#